data_8XU9
#
_entry.id   8XU9
#
_cell.length_a   76.718
_cell.length_b   83.810
_cell.length_c   62.201
_cell.angle_alpha   90.00
_cell.angle_beta   101.13
_cell.angle_gamma   90.00
#
_symmetry.space_group_name_H-M   'C 1 2 1'
#
loop_
_entity.id
_entity.type
_entity.pdbx_description
1 polymer '4-hydroxyphenylpyruvate dioxygenase'
2 non-polymer 'COBALT (II) ION'
3 non-polymer 2-fluoranyl-~{N}-(5-methyl-1,3,4-oxadiazol-2-yl)-3-propylsulfinyl-4-(trifluoromethyl)benzamide
4 water water
#
_entity_poly.entity_id   1
_entity_poly.type   'polypeptide(L)'
_entity_poly.pdbx_seq_one_letter_code
;GSHMVRKNPKSDKFKVKRFHHIEFWCGDATNVARRFSWGLGMRFSAKSDLSTGNMVHASYLLTSGDLRFLFTAPYSPSLS
AGEIKPTTTASIPSFDHGSCRSFFSSHGLGVRAVAIEVEDAESAFSISVANGAIPSSPPIVLNEAVTIAEVKLYGDVVLR
YVSYKAEDTEKSEFLPGFERVEDASSFPLDYGIRRLDHAVGNVPELGPALTYVAGFTGFHQFAEFTADDVGTAESGLNSA
VLASNDEMVLLPINEPVHGTKRKSQIQTYLEHNEGAGLQHLALMSEDIFRTLREMRKRSSIGGFDFMPSPPPTYYQNLKK
RVGDVLSDDQIKECEELGILVDRDDQGTLLQIFTKPLGDRPTIFIEIIQRVGCMMKDEEGKAYQSGGCGGFGKGNFSELF
KSIEEYEKTLEAKQLVG
;
_entity_poly.pdbx_strand_id   A
#
loop_
_chem_comp.id
_chem_comp.type
_chem_comp.name
_chem_comp.formula
A1LW4 non-polymer 2-fluoranyl-~{N}-(5-methyl-1,3,4-oxadiazol-2-yl)-3-propylsulfinyl-4-(trifluoromethyl)benzamide 'C14 H13 F4 N3 O3 S'
CO non-polymer 'COBALT (II) ION' 'Co 2'
#
# COMPACT_ATOMS: atom_id res chain seq x y z
N LYS A 7 8.88 22.95 -3.79
CA LYS A 7 8.98 23.04 -5.25
C LYS A 7 8.67 21.69 -5.92
N ASN A 8 7.96 21.76 -7.05
CA ASN A 8 7.54 20.58 -7.80
C ASN A 8 8.02 20.76 -9.23
N PRO A 9 9.16 20.16 -9.61
CA PRO A 9 9.68 20.34 -10.97
C PRO A 9 8.88 19.64 -12.05
N LYS A 10 7.91 18.80 -11.68
CA LYS A 10 7.05 18.08 -12.62
C LYS A 10 7.85 17.38 -13.71
N SER A 11 8.77 16.52 -13.28
CA SER A 11 9.71 15.87 -14.17
C SER A 11 9.35 14.42 -14.48
N ASP A 12 8.08 14.03 -14.31
CA ASP A 12 7.66 12.68 -14.72
C ASP A 12 8.12 12.41 -16.15
N LYS A 13 8.76 11.27 -16.36
CA LYS A 13 9.24 10.91 -17.68
C LYS A 13 8.17 10.24 -18.51
N PHE A 14 7.03 9.91 -17.89
CA PHE A 14 5.86 9.42 -18.61
C PHE A 14 4.63 9.86 -17.85
N LYS A 15 3.49 9.84 -18.53
CA LYS A 15 2.25 10.32 -17.95
C LYS A 15 1.70 9.28 -16.97
N VAL A 16 1.65 9.65 -15.70
CA VAL A 16 1.16 8.79 -14.63
C VAL A 16 -0.19 9.34 -14.19
N LYS A 17 -1.17 8.44 -14.04
CA LYS A 17 -2.50 8.85 -13.58
C LYS A 17 -2.62 8.63 -12.07
N ARG A 18 -2.95 7.43 -11.62
CA ARG A 18 -3.21 7.20 -10.20
C ARG A 18 -2.73 5.82 -9.81
N PHE A 19 -2.67 5.58 -8.49
CA PHE A 19 -2.57 4.22 -7.99
C PHE A 19 -3.73 3.40 -8.54
N HIS A 20 -3.41 2.21 -9.06
CA HIS A 20 -4.43 1.36 -9.64
C HIS A 20 -4.77 0.15 -8.78
N HIS A 21 -3.77 -0.58 -8.30
CA HIS A 21 -4.04 -1.65 -7.36
C HIS A 21 -2.75 -2.06 -6.66
N ILE A 22 -2.93 -2.91 -5.66
CA ILE A 22 -1.86 -3.49 -4.87
C ILE A 22 -2.07 -4.99 -4.91
N GLU A 23 -1.04 -5.75 -5.29
CA GLU A 23 -1.15 -7.21 -5.35
C GLU A 23 -0.34 -7.86 -4.24
N PHE A 24 -1.01 -8.70 -3.44
CA PHE A 24 -0.37 -9.53 -2.44
C PHE A 24 -0.08 -10.88 -3.05
N TRP A 25 1.13 -11.39 -2.83
CA TRP A 25 1.44 -12.77 -3.17
C TRP A 25 1.28 -13.62 -1.92
N CYS A 26 0.47 -14.67 -2.04
CA CYS A 26 -0.02 -15.46 -0.91
C CYS A 26 0.31 -16.93 -1.12
N GLY A 27 0.23 -17.68 -0.04
CA GLY A 27 0.20 -19.12 -0.12
C GLY A 27 -1.20 -19.63 -0.44
N ASP A 28 -2.20 -19.07 0.22
CA ASP A 28 -3.58 -19.37 -0.11
C ASP A 28 -4.31 -18.04 -0.29
N ALA A 29 -4.74 -17.75 -1.51
CA ALA A 29 -5.31 -16.43 -1.73
C ALA A 29 -6.71 -16.33 -1.14
N THR A 30 -7.43 -17.46 -1.09
CA THR A 30 -8.81 -17.47 -0.62
C THR A 30 -8.89 -16.98 0.83
N ASN A 31 -8.05 -17.52 1.71
CA ASN A 31 -8.18 -17.20 3.13
C ASN A 31 -7.68 -15.81 3.44
N VAL A 32 -6.61 -15.36 2.77
CA VAL A 32 -6.17 -13.99 3.02
C VAL A 32 -7.20 -12.99 2.53
N ALA A 33 -7.73 -13.20 1.32
CA ALA A 33 -8.72 -12.28 0.79
C ALA A 33 -9.97 -12.24 1.68
N ARG A 34 -10.46 -13.39 2.11
CA ARG A 34 -11.65 -13.39 2.95
C ARG A 34 -11.38 -12.69 4.27
N ARG A 35 -10.17 -12.87 4.84
CA ARG A 35 -9.84 -12.18 6.08
C ARG A 35 -9.78 -10.68 5.86
N PHE A 36 -9.10 -10.23 4.80
CA PHE A 36 -8.98 -8.80 4.52
C PHE A 36 -10.34 -8.17 4.24
N SER A 37 -11.21 -8.90 3.53
CA SER A 37 -12.55 -8.42 3.21
C SER A 37 -13.31 -8.05 4.49
N TRP A 38 -13.44 -9.00 5.40
CA TRP A 38 -14.10 -8.75 6.68
C TRP A 38 -13.39 -7.64 7.45
N GLY A 39 -12.05 -7.70 7.53
CA GLY A 39 -11.31 -6.81 8.41
C GLY A 39 -11.28 -5.37 7.94
N LEU A 40 -11.30 -5.13 6.64
CA LEU A 40 -11.20 -3.78 6.11
C LEU A 40 -12.48 -3.29 5.44
N GLY A 41 -13.47 -4.15 5.26
CA GLY A 41 -14.71 -3.72 4.65
C GLY A 41 -14.58 -3.52 3.15
N MET A 42 -13.98 -4.50 2.48
CA MET A 42 -13.77 -4.44 1.04
C MET A 42 -14.63 -5.53 0.39
N ARG A 43 -15.31 -5.15 -0.67
CA ARG A 43 -16.16 -6.05 -1.46
C ARG A 43 -15.33 -7.03 -2.27
N PHE A 44 -15.82 -8.27 -2.41
CA PHE A 44 -15.32 -9.15 -3.47
C PHE A 44 -15.83 -8.67 -4.84
N SER A 45 -14.93 -8.27 -5.74
CA SER A 45 -15.32 -7.65 -6.99
C SER A 45 -15.05 -8.48 -8.23
N ALA A 46 -13.95 -9.22 -8.27
CA ALA A 46 -13.58 -9.95 -9.47
C ALA A 46 -12.74 -11.16 -9.08
N LYS A 47 -12.73 -12.17 -9.95
CA LYS A 47 -11.96 -13.37 -9.70
C LYS A 47 -11.36 -13.85 -11.00
N SER A 48 -10.22 -14.55 -10.88
CA SER A 48 -9.64 -15.31 -11.96
C SER A 48 -9.04 -16.55 -11.30
N ASP A 49 -9.64 -17.71 -11.56
CA ASP A 49 -9.20 -18.95 -10.93
C ASP A 49 -9.65 -20.11 -11.81
N LEU A 50 -9.70 -21.31 -11.23
CA LEU A 50 -10.16 -22.50 -11.96
C LEU A 50 -11.54 -22.29 -12.56
N SER A 51 -12.44 -21.64 -11.83
CA SER A 51 -13.80 -21.49 -12.33
C SER A 51 -13.88 -20.53 -13.52
N THR A 52 -12.82 -19.77 -13.80
CA THR A 52 -12.77 -18.92 -14.98
C THR A 52 -11.79 -19.45 -16.03
N GLY A 53 -11.28 -20.68 -15.87
CA GLY A 53 -10.35 -21.24 -16.82
C GLY A 53 -8.88 -20.99 -16.53
N ASN A 54 -8.56 -20.33 -15.43
CA ASN A 54 -7.18 -20.07 -15.06
C ASN A 54 -6.64 -21.30 -14.33
N MET A 55 -5.72 -22.02 -14.99
CA MET A 55 -5.06 -23.21 -14.45
C MET A 55 -3.73 -22.89 -13.80
N VAL A 56 -3.33 -21.62 -13.79
CA VAL A 56 -2.04 -21.22 -13.29
C VAL A 56 -2.17 -20.65 -11.88
N HIS A 57 -3.01 -19.65 -11.70
CA HIS A 57 -3.03 -18.98 -10.40
C HIS A 57 -4.47 -18.65 -10.01
N ALA A 58 -4.67 -18.56 -8.70
CA ALA A 58 -5.92 -18.10 -8.13
C ALA A 58 -5.73 -16.66 -7.71
N SER A 59 -6.56 -15.77 -8.28
CA SER A 59 -6.48 -14.33 -8.03
C SER A 59 -7.85 -13.78 -7.69
N TYR A 60 -7.94 -13.07 -6.56
CA TYR A 60 -9.20 -12.51 -6.09
C TYR A 60 -9.03 -11.04 -5.80
N LEU A 61 -9.94 -10.22 -6.33
CA LEU A 61 -9.86 -8.78 -6.20
C LEU A 61 -10.88 -8.29 -5.20
N LEU A 62 -10.42 -7.50 -4.23
CA LEU A 62 -11.27 -6.77 -3.30
C LEU A 62 -11.22 -5.30 -3.67
N THR A 63 -12.36 -4.61 -3.55
CA THR A 63 -12.41 -3.18 -3.81
C THR A 63 -13.10 -2.47 -2.66
N SER A 64 -12.70 -1.21 -2.44
CA SER A 64 -13.45 -0.30 -1.58
C SER A 64 -13.24 1.09 -2.16
N GLY A 65 -14.29 1.67 -2.74
CA GLY A 65 -14.10 2.90 -3.50
C GLY A 65 -13.10 2.66 -4.63
N ASP A 66 -12.07 3.50 -4.72
CA ASP A 66 -11.03 3.30 -5.73
C ASP A 66 -9.95 2.33 -5.28
N LEU A 67 -9.97 1.87 -4.03
CA LEU A 67 -8.93 1.00 -3.52
C LEU A 67 -9.14 -0.43 -4.02
N ARG A 68 -8.11 -1.02 -4.60
CA ARG A 68 -8.17 -2.36 -5.15
C ARG A 68 -7.04 -3.19 -4.57
N PHE A 69 -7.40 -4.23 -3.82
CA PHE A 69 -6.45 -5.21 -3.28
C PHE A 69 -6.61 -6.51 -4.06
N LEU A 70 -5.52 -6.96 -4.69
CA LEU A 70 -5.50 -8.24 -5.40
C LEU A 70 -4.70 -9.27 -4.60
N PHE A 71 -5.25 -10.48 -4.45
CA PHE A 71 -4.61 -11.56 -3.71
C PHE A 71 -4.42 -12.74 -4.64
N THR A 72 -3.18 -13.16 -4.82
CA THR A 72 -2.84 -14.18 -5.80
C THR A 72 -1.98 -15.27 -5.15
N ALA A 73 -2.27 -16.53 -5.48
CA ALA A 73 -1.51 -17.70 -5.07
C ALA A 73 -1.37 -18.66 -6.25
N PRO A 74 -0.31 -19.48 -6.29
CA PRO A 74 -0.17 -20.45 -7.39
C PRO A 74 -0.90 -21.75 -7.11
N TYR A 75 -1.50 -22.32 -8.17
CA TYR A 75 -1.94 -23.71 -8.17
C TYR A 75 -0.75 -24.66 -8.31
N SER A 76 -1.01 -25.96 -8.23
CA SER A 76 0.03 -26.93 -8.59
C SER A 76 0.51 -26.70 -10.02
N PRO A 77 1.82 -26.65 -10.27
CA PRO A 77 2.28 -26.50 -11.65
C PRO A 77 1.76 -27.61 -12.57
N SER A 78 1.44 -28.79 -12.01
CA SER A 78 0.98 -29.89 -12.83
C SER A 78 -0.28 -29.56 -13.60
N LEU A 79 -1.11 -28.64 -13.07
CA LEU A 79 -2.35 -28.33 -13.77
C LEU A 79 -2.10 -27.61 -15.09
N SER A 80 -0.97 -26.92 -15.22
CA SER A 80 -0.64 -26.17 -16.44
C SER A 80 0.65 -26.67 -17.09
N ALA A 81 1.05 -27.91 -16.81
CA ALA A 81 2.34 -28.40 -17.28
C ALA A 81 2.43 -28.43 -18.81
N GLY A 82 1.30 -28.61 -19.49
CA GLY A 82 1.31 -28.61 -20.95
C GLY A 82 1.25 -27.23 -21.58
N GLU A 83 1.08 -26.19 -20.78
CA GLU A 83 0.99 -24.85 -21.32
C GLU A 83 2.37 -24.29 -21.62
N ILE A 84 2.41 -23.36 -22.57
CA ILE A 84 3.57 -22.48 -22.76
C ILE A 84 3.04 -21.06 -22.71
N LYS A 85 3.96 -20.09 -22.61
CA LYS A 85 3.50 -18.71 -22.51
C LYS A 85 2.55 -18.32 -23.65
N PRO A 86 2.82 -18.67 -24.91
CA PRO A 86 1.82 -18.41 -25.96
C PRO A 86 0.46 -19.06 -25.74
N THR A 87 0.35 -20.16 -24.97
CA THR A 87 -0.93 -20.83 -24.76
C THR A 87 -1.42 -20.72 -23.32
N THR A 88 -0.90 -19.76 -22.54
CA THR A 88 -1.12 -19.74 -21.11
C THR A 88 -2.59 -19.43 -20.78
N THR A 89 -3.07 -20.02 -19.69
CA THR A 89 -4.38 -19.71 -19.13
C THR A 89 -4.29 -18.72 -17.98
N ALA A 90 -3.10 -18.23 -17.66
CA ALA A 90 -2.96 -17.25 -16.60
C ALA A 90 -3.52 -15.91 -17.05
N SER A 91 -4.25 -15.24 -16.18
CA SER A 91 -4.78 -13.94 -16.56
C SER A 91 -3.78 -12.82 -16.33
N ILE A 92 -2.73 -13.08 -15.56
CA ILE A 92 -1.66 -12.12 -15.32
C ILE A 92 -0.38 -12.72 -15.87
N PRO A 93 0.06 -12.29 -17.06
CA PRO A 93 1.12 -13.02 -17.77
C PRO A 93 2.49 -12.90 -17.12
N SER A 94 2.73 -11.88 -16.29
CA SER A 94 3.94 -11.83 -15.48
C SER A 94 4.01 -12.92 -14.40
N PHE A 95 2.92 -13.61 -14.09
CA PHE A 95 2.96 -14.56 -12.97
C PHE A 95 3.86 -15.75 -13.29
N ASP A 96 4.54 -16.25 -12.26
CA ASP A 96 5.42 -17.40 -12.40
C ASP A 96 5.41 -18.22 -11.12
N HIS A 97 5.00 -19.50 -11.22
CA HIS A 97 4.94 -20.36 -10.02
C HIS A 97 6.20 -20.24 -9.18
N GLY A 98 7.37 -20.40 -9.83
CA GLY A 98 8.62 -20.39 -9.09
C GLY A 98 8.90 -19.07 -8.40
N SER A 99 8.73 -17.96 -9.13
CA SER A 99 8.90 -16.64 -8.52
C SER A 99 7.94 -16.45 -7.33
N CYS A 100 6.68 -16.88 -7.49
CA CYS A 100 5.70 -16.66 -6.43
C CYS A 100 6.01 -17.50 -5.19
N ARG A 101 6.25 -18.80 -5.37
CA ARG A 101 6.63 -19.64 -4.23
C ARG A 101 7.89 -19.11 -3.54
N SER A 102 8.89 -18.72 -4.34
CA SER A 102 10.13 -18.19 -3.77
C SER A 102 9.87 -16.91 -2.98
N PHE A 103 9.11 -15.97 -3.57
CA PHE A 103 8.78 -14.73 -2.87
C PHE A 103 8.16 -15.01 -1.51
N PHE A 104 7.11 -15.84 -1.48
CA PHE A 104 6.35 -16.03 -0.24
C PHE A 104 7.17 -16.80 0.78
N SER A 105 7.95 -17.78 0.34
CA SER A 105 8.77 -18.55 1.26
C SER A 105 9.91 -17.70 1.80
N SER A 106 10.35 -16.70 1.04
CA SER A 106 11.40 -15.82 1.54
C SER A 106 10.85 -14.71 2.43
N HIS A 107 9.72 -14.11 2.05
CA HIS A 107 9.20 -12.92 2.72
C HIS A 107 7.94 -13.16 3.54
N GLY A 108 7.27 -14.29 3.37
CA GLY A 108 5.96 -14.40 3.96
C GLY A 108 4.98 -13.51 3.21
N LEU A 109 3.78 -13.44 3.75
CA LEU A 109 2.69 -12.71 3.12
C LEU A 109 3.12 -11.27 2.90
N GLY A 110 2.94 -10.77 1.70
CA GLY A 110 3.25 -9.37 1.49
C GLY A 110 2.99 -8.93 0.07
N VAL A 111 3.32 -7.66 -0.18
CA VAL A 111 2.98 -6.99 -1.43
C VAL A 111 4.02 -7.35 -2.48
N ARG A 112 3.58 -7.98 -3.56
CA ARG A 112 4.43 -8.19 -4.72
C ARG A 112 4.45 -6.99 -5.66
N ALA A 113 3.32 -6.34 -5.89
CA ALA A 113 3.25 -5.32 -6.94
C ALA A 113 2.55 -4.09 -6.44
N VAL A 114 3.19 -2.94 -6.63
CA VAL A 114 2.55 -1.64 -6.53
C VAL A 114 2.22 -1.23 -7.96
N ALA A 115 0.93 -1.15 -8.29
CA ALA A 115 0.51 -0.89 -9.66
C ALA A 115 -0.04 0.53 -9.77
N ILE A 116 0.46 1.26 -10.76
CA ILE A 116 -0.01 2.60 -11.08
C ILE A 116 -0.59 2.60 -12.49
N GLU A 117 -1.67 3.33 -12.68
CA GLU A 117 -2.22 3.45 -14.02
C GLU A 117 -1.47 4.54 -14.76
N VAL A 118 -1.04 4.23 -15.97
CA VAL A 118 -0.30 5.18 -16.80
C VAL A 118 -1.05 5.34 -18.12
N GLU A 119 -0.60 6.33 -18.90
CA GLU A 119 -1.24 6.54 -20.19
C GLU A 119 -0.90 5.41 -21.15
N ASP A 120 0.34 4.91 -21.12
CA ASP A 120 0.78 3.89 -22.06
C ASP A 120 1.85 3.05 -21.36
N ALA A 121 1.47 1.83 -20.95
CA ALA A 121 2.36 0.97 -20.18
C ALA A 121 3.57 0.52 -20.99
N GLU A 122 3.41 0.30 -22.29
CA GLU A 122 4.57 -0.04 -23.12
C GLU A 122 5.59 1.09 -23.13
N SER A 123 5.12 2.31 -23.41
CA SER A 123 5.98 3.49 -23.36
C SER A 123 6.59 3.69 -21.99
N ALA A 124 5.77 3.63 -20.93
CA ALA A 124 6.29 3.77 -19.57
C ALA A 124 7.39 2.75 -19.29
N PHE A 125 7.22 1.52 -19.78
CA PHE A 125 8.25 0.49 -19.59
C PHE A 125 9.53 0.86 -20.33
N SER A 126 9.40 1.19 -21.62
CA SER A 126 10.58 1.48 -22.44
C SER A 126 11.37 2.64 -21.85
N ILE A 127 10.69 3.76 -21.57
CA ILE A 127 11.36 4.92 -21.02
C ILE A 127 11.99 4.60 -19.67
N SER A 128 11.26 3.87 -18.82
CA SER A 128 11.81 3.44 -17.53
C SER A 128 13.10 2.67 -17.72
N VAL A 129 13.09 1.65 -18.59
CA VAL A 129 14.27 0.84 -18.79
C VAL A 129 15.39 1.66 -19.41
N ALA A 130 15.05 2.52 -20.39
CA ALA A 130 16.08 3.39 -20.95
C ALA A 130 16.69 4.30 -19.91
N ASN A 131 15.99 4.52 -18.79
CA ASN A 131 16.46 5.39 -17.73
C ASN A 131 16.86 4.62 -16.47
N GLY A 132 17.26 3.36 -16.61
CA GLY A 132 17.90 2.63 -15.52
C GLY A 132 17.05 1.58 -14.83
N ALA A 133 15.74 1.50 -15.11
CA ALA A 133 14.89 0.52 -14.44
C ALA A 133 15.30 -0.90 -14.82
N ILE A 134 15.35 -1.78 -13.82
CA ILE A 134 15.61 -3.20 -14.06
C ILE A 134 14.31 -3.86 -14.53
N PRO A 135 14.28 -4.43 -15.72
CA PRO A 135 13.02 -4.99 -16.22
C PRO A 135 12.63 -6.23 -15.45
N SER A 136 11.32 -6.38 -15.20
CA SER A 136 10.81 -7.57 -14.55
C SER A 136 9.85 -8.36 -15.43
N SER A 137 8.93 -7.70 -16.14
CA SER A 137 8.09 -8.41 -17.08
C SER A 137 7.77 -7.43 -18.21
N PRO A 138 7.94 -7.85 -19.46
CA PRO A 138 7.84 -6.91 -20.57
C PRO A 138 6.38 -6.53 -20.85
N PRO A 139 6.15 -5.50 -21.65
CA PRO A 139 4.76 -5.10 -21.93
C PRO A 139 4.03 -6.22 -22.66
N ILE A 140 2.84 -6.55 -22.18
CA ILE A 140 2.01 -7.58 -22.77
C ILE A 140 0.62 -6.99 -22.94
N VAL A 141 0.07 -7.13 -24.14
CA VAL A 141 -1.26 -6.60 -24.45
C VAL A 141 -2.28 -7.71 -24.22
N LEU A 142 -3.26 -7.43 -23.37
CA LEU A 142 -4.29 -8.39 -23.01
C LEU A 142 -5.56 -8.08 -23.79
N ASN A 143 -5.97 -9.00 -24.64
CA ASN A 143 -7.22 -8.91 -25.40
C ASN A 143 -7.36 -7.58 -26.15
N GLU A 144 -6.24 -7.09 -26.68
CA GLU A 144 -6.21 -5.81 -27.41
C GLU A 144 -6.77 -4.65 -26.59
N ALA A 145 -6.86 -4.79 -25.28
CA ALA A 145 -7.59 -3.82 -24.49
C ALA A 145 -6.74 -3.21 -23.37
N VAL A 146 -5.89 -4.00 -22.73
CA VAL A 146 -5.14 -3.54 -21.57
C VAL A 146 -3.69 -3.95 -21.75
N THR A 147 -2.77 -3.05 -21.46
CA THR A 147 -1.34 -3.33 -21.51
C THR A 147 -0.76 -3.31 -20.11
N ILE A 148 0.06 -4.31 -19.79
CA ILE A 148 0.65 -4.46 -18.47
C ILE A 148 2.14 -4.70 -18.63
N ALA A 149 2.94 -4.09 -17.75
CA ALA A 149 4.39 -4.25 -17.76
C ALA A 149 4.90 -3.99 -16.34
N GLU A 150 6.09 -4.53 -16.04
CA GLU A 150 6.62 -4.47 -14.68
C GLU A 150 8.13 -4.22 -14.69
N VAL A 151 8.58 -3.39 -13.74
CA VAL A 151 10.00 -3.17 -13.48
C VAL A 151 10.23 -3.33 -11.98
N LYS A 152 11.48 -3.59 -11.60
CA LYS A 152 11.82 -3.75 -10.19
C LYS A 152 11.79 -2.40 -9.48
N LEU A 153 11.22 -2.40 -8.27
CA LEU A 153 11.10 -1.21 -7.44
C LEU A 153 12.11 -1.22 -6.30
N TYR A 154 12.01 -2.21 -5.43
CA TYR A 154 12.99 -2.49 -4.39
C TYR A 154 12.73 -3.90 -3.90
N GLY A 155 13.79 -4.58 -3.50
CA GLY A 155 13.66 -5.96 -3.08
C GLY A 155 13.02 -6.78 -4.19
N ASP A 156 12.04 -7.60 -3.83
CA ASP A 156 11.26 -8.35 -4.79
C ASP A 156 9.92 -7.68 -5.09
N VAL A 157 9.79 -6.41 -4.79
CA VAL A 157 8.59 -5.64 -5.11
C VAL A 157 8.77 -5.05 -6.51
N VAL A 158 7.73 -5.14 -7.33
CA VAL A 158 7.74 -4.57 -8.68
C VAL A 158 6.79 -3.37 -8.70
N LEU A 159 7.18 -2.39 -9.52
CA LEU A 159 6.28 -1.31 -9.92
C LEU A 159 5.63 -1.73 -11.23
N ARG A 160 4.30 -1.84 -11.22
CA ARG A 160 3.53 -2.38 -12.33
C ARG A 160 2.81 -1.25 -13.05
N TYR A 161 3.01 -1.16 -14.36
CA TYR A 161 2.31 -0.19 -15.21
C TYR A 161 1.12 -0.87 -15.85
N VAL A 162 -0.03 -0.21 -15.81
CA VAL A 162 -1.22 -0.68 -16.50
C VAL A 162 -1.81 0.50 -17.28
N SER A 163 -2.22 0.26 -18.52
CA SER A 163 -2.91 1.26 -19.32
C SER A 163 -4.05 0.61 -20.09
N TYR A 164 -5.12 1.37 -20.27
CA TYR A 164 -6.36 0.93 -20.90
C TYR A 164 -6.59 1.74 -22.17
N LYS A 165 -6.89 1.06 -23.27
CA LYS A 165 -7.40 1.76 -24.44
C LYS A 165 -8.71 2.47 -24.11
N ALA A 166 -9.63 1.76 -23.48
CA ALA A 166 -10.94 2.32 -23.11
C ALA A 166 -10.86 3.14 -21.82
N PHE A 174 -11.51 -5.09 -14.46
CA PHE A 174 -10.19 -5.01 -13.85
C PHE A 174 -9.14 -5.40 -14.88
N LEU A 175 -9.14 -6.65 -15.31
CA LEU A 175 -8.26 -7.12 -16.35
C LEU A 175 -9.01 -8.13 -17.20
N PRO A 176 -8.66 -8.25 -18.48
CA PRO A 176 -9.21 -9.35 -19.29
C PRO A 176 -8.93 -10.69 -18.62
N GLY A 177 -9.92 -11.58 -18.67
CA GLY A 177 -9.82 -12.86 -18.03
C GLY A 177 -10.35 -12.92 -16.61
N PHE A 178 -10.59 -11.76 -15.99
CA PHE A 178 -11.24 -11.72 -14.68
C PHE A 178 -12.74 -11.66 -14.90
N GLU A 179 -13.48 -12.39 -14.09
CA GLU A 179 -14.94 -12.31 -14.10
C GLU A 179 -15.42 -11.51 -12.89
N ARG A 180 -16.44 -10.68 -13.12
CA ARG A 180 -17.12 -9.99 -12.02
C ARG A 180 -17.76 -11.02 -11.09
N VAL A 181 -17.77 -10.72 -9.80
CA VAL A 181 -18.14 -11.73 -8.81
C VAL A 181 -19.66 -11.72 -8.63
N GLU A 182 -20.24 -12.94 -8.58
CA GLU A 182 -21.69 -13.13 -8.52
C GLU A 182 -22.27 -12.53 -7.25
N ASP A 183 -23.34 -11.74 -7.43
CA ASP A 183 -23.83 -10.85 -6.37
C ASP A 183 -23.97 -11.57 -5.03
N ALA A 184 -24.44 -12.82 -5.03
CA ALA A 184 -24.60 -13.55 -3.77
C ALA A 184 -23.28 -13.70 -3.03
N SER A 185 -22.20 -13.98 -3.78
CA SER A 185 -20.87 -14.03 -3.19
C SER A 185 -20.32 -12.65 -2.85
N SER A 186 -20.90 -11.59 -3.39
CA SER A 186 -20.38 -10.23 -3.22
C SER A 186 -21.27 -9.44 -2.26
N PHE A 187 -20.92 -9.47 -0.96
CA PHE A 187 -21.58 -8.73 0.10
C PHE A 187 -21.06 -7.29 0.15
N PRO A 188 -21.93 -6.27 0.09
CA PRO A 188 -21.45 -4.89 -0.11
C PRO A 188 -20.92 -4.26 1.18
N LEU A 189 -19.88 -4.86 1.75
CA LEU A 189 -19.25 -4.24 2.90
C LEU A 189 -18.61 -2.92 2.49
N ASP A 190 -18.56 -1.99 3.45
CA ASP A 190 -17.91 -0.71 3.23
C ASP A 190 -17.73 0.01 4.56
N TYR A 191 -16.49 0.21 5.02
CA TYR A 191 -16.26 0.94 6.26
C TYR A 191 -15.74 2.34 6.00
N GLY A 192 -15.81 2.84 4.77
CA GLY A 192 -15.42 4.19 4.47
C GLY A 192 -14.08 4.35 3.77
N ILE A 193 -13.33 3.28 3.53
CA ILE A 193 -12.04 3.42 2.84
C ILE A 193 -12.27 3.66 1.36
N ARG A 194 -11.46 4.56 0.77
CA ARG A 194 -11.73 5.04 -0.59
C ARG A 194 -10.57 4.91 -1.57
N ARG A 195 -9.32 5.03 -1.15
CA ARG A 195 -8.22 4.94 -2.12
C ARG A 195 -6.90 4.75 -1.39
N LEU A 196 -5.87 4.36 -2.16
CA LEU A 196 -4.51 4.27 -1.62
C LEU A 196 -3.88 5.65 -1.59
N ASP A 197 -3.42 6.07 -0.42
CA ASP A 197 -2.80 7.38 -0.30
C ASP A 197 -1.30 7.33 -0.54
N HIS A 198 -0.61 6.36 0.07
CA HIS A 198 0.81 6.15 -0.23
C HIS A 198 1.23 4.73 0.09
N ALA A 199 2.37 4.32 -0.48
CA ALA A 199 2.91 2.99 -0.30
C ALA A 199 4.39 3.10 0.01
N VAL A 200 4.79 2.59 1.18
CA VAL A 200 6.07 2.88 1.79
C VAL A 200 6.97 1.64 1.71
N GLY A 201 8.18 1.82 1.19
CA GLY A 201 9.17 0.76 1.14
C GLY A 201 10.22 0.92 2.22
N ASN A 202 10.70 -0.22 2.74
CA ASN A 202 11.88 -0.26 3.61
C ASN A 202 13.04 -0.84 2.79
N VAL A 203 14.22 -0.21 2.86
CA VAL A 203 15.40 -0.70 2.15
C VAL A 203 16.60 -0.59 3.07
N PRO A 204 17.70 -1.29 2.76
CA PRO A 204 18.90 -1.16 3.62
C PRO A 204 19.61 0.17 3.44
N GLU A 205 19.56 0.77 2.24
CA GLU A 205 20.25 2.04 1.96
C GLU A 205 19.33 2.94 1.16
N LEU A 206 18.94 4.07 1.76
CA LEU A 206 18.00 4.99 1.13
C LEU A 206 18.58 5.64 -0.12
N GLY A 207 19.86 6.01 -0.09
CA GLY A 207 20.49 6.75 -1.16
C GLY A 207 20.35 6.11 -2.52
N PRO A 208 20.90 4.90 -2.68
CA PRO A 208 20.80 4.22 -3.98
C PRO A 208 19.37 3.87 -4.38
N ALA A 209 18.49 3.59 -3.42
CA ALA A 209 17.09 3.33 -3.74
C ALA A 209 16.43 4.56 -4.36
N LEU A 210 16.57 5.71 -3.69
CA LEU A 210 16.04 6.97 -4.25
C LEU A 210 16.57 7.23 -5.65
N THR A 211 17.89 7.25 -5.79
CA THR A 211 18.51 7.52 -7.07
C THR A 211 17.98 6.60 -8.16
N TYR A 212 17.88 5.30 -7.86
CA TYR A 212 17.33 4.33 -8.81
C TYR A 212 15.91 4.69 -9.21
N VAL A 213 15.00 4.79 -8.23
CA VAL A 213 13.58 4.96 -8.55
C VAL A 213 13.33 6.34 -9.16
N ALA A 214 13.82 7.39 -8.51
CA ALA A 214 13.73 8.72 -9.13
C ALA A 214 14.41 8.71 -10.49
N GLY A 215 15.48 7.95 -10.63
CA GLY A 215 16.18 7.85 -11.90
C GLY A 215 15.28 7.45 -13.05
N PHE A 216 14.48 6.38 -12.86
CA PHE A 216 13.76 5.86 -14.01
C PHE A 216 12.33 6.41 -14.14
N THR A 217 11.77 7.02 -13.10
CA THR A 217 10.42 7.56 -13.19
C THR A 217 10.38 9.04 -13.52
N GLY A 218 11.35 9.80 -13.02
CA GLY A 218 11.23 11.24 -13.04
C GLY A 218 10.46 11.79 -11.86
N PHE A 219 10.10 10.94 -10.90
CA PHE A 219 9.38 11.40 -9.71
C PHE A 219 10.28 12.32 -8.90
N HIS A 220 9.69 13.38 -8.35
CA HIS A 220 10.41 14.36 -7.57
C HIS A 220 10.25 14.12 -6.08
N GLN A 221 11.20 14.65 -5.32
CA GLN A 221 11.15 14.58 -3.86
C GLN A 221 10.03 15.48 -3.33
N PHE A 222 9.14 14.89 -2.53
CA PHE A 222 7.95 15.62 -2.08
C PHE A 222 8.25 16.45 -0.84
N ALA A 223 8.89 15.85 0.16
CA ALA A 223 9.19 16.54 1.43
C ALA A 223 7.95 17.16 2.08
N GLU A 234 16.23 8.96 17.37
CA GLU A 234 14.94 8.81 18.03
C GLU A 234 13.93 8.08 17.12
N SER A 235 13.92 8.45 15.84
CA SER A 235 12.98 7.82 14.91
C SER A 235 13.37 6.37 14.59
N GLY A 236 14.68 6.13 14.40
CA GLY A 236 15.15 4.87 13.87
C GLY A 236 15.27 4.80 12.36
N LEU A 237 14.81 5.83 11.66
CA LEU A 237 14.79 5.81 10.20
C LEU A 237 15.23 7.14 9.63
N ASN A 238 15.65 7.11 8.38
CA ASN A 238 15.66 8.25 7.47
C ASN A 238 14.76 7.90 6.30
N SER A 239 14.14 8.92 5.72
CA SER A 239 13.22 8.67 4.63
C SER A 239 13.26 9.80 3.62
N ALA A 240 12.49 9.64 2.56
CA ALA A 240 12.25 10.62 1.54
C ALA A 240 11.10 10.10 0.70
N VAL A 241 10.37 11.02 0.08
CA VAL A 241 9.15 10.69 -0.64
C VAL A 241 9.32 11.06 -2.09
N LEU A 242 9.09 10.11 -2.98
CA LEU A 242 9.02 10.40 -4.40
C LEU A 242 7.56 10.59 -4.80
N ALA A 243 7.30 11.48 -5.74
CA ALA A 243 5.93 11.82 -6.10
C ALA A 243 5.82 12.12 -7.58
N SER A 244 4.68 11.78 -8.16
CA SER A 244 4.41 12.08 -9.55
C SER A 244 4.10 13.57 -9.70
N ASN A 245 3.81 13.98 -10.94
CA ASN A 245 3.66 15.40 -11.26
C ASN A 245 2.57 16.06 -10.40
N ASP A 246 1.39 15.43 -10.31
CA ASP A 246 0.31 15.99 -9.52
C ASP A 246 0.35 15.53 -8.06
N GLU A 247 1.37 14.76 -7.70
CA GLU A 247 1.64 14.35 -6.32
C GLU A 247 0.50 13.50 -5.73
N MET A 248 -0.18 12.74 -6.58
CA MET A 248 -1.14 11.73 -6.13
C MET A 248 -0.54 10.33 -6.01
N VAL A 249 0.56 10.06 -6.68
CA VAL A 249 1.30 8.82 -6.46
C VAL A 249 2.45 9.17 -5.54
N LEU A 250 2.41 8.66 -4.31
CA LEU A 250 3.37 9.01 -3.27
C LEU A 250 4.06 7.73 -2.84
N LEU A 251 5.39 7.73 -2.93
CA LEU A 251 6.20 6.53 -2.73
C LEU A 251 7.30 6.85 -1.74
N PRO A 252 6.98 6.85 -0.44
CA PRO A 252 8.05 6.99 0.57
C PRO A 252 8.95 5.76 0.62
N ILE A 253 10.23 6.00 0.96
CA ILE A 253 11.23 4.94 1.16
C ILE A 253 11.98 5.23 2.46
N ASN A 254 12.12 4.22 3.31
CA ASN A 254 12.87 4.32 4.57
C ASN A 254 14.17 3.52 4.51
N GLU A 255 15.16 3.97 5.27
CA GLU A 255 16.31 3.20 5.64
C GLU A 255 16.47 3.26 7.16
N PRO A 256 17.11 2.26 7.77
CA PRO A 256 17.31 2.29 9.23
C PRO A 256 18.39 3.28 9.63
N VAL A 257 18.32 3.68 10.91
CA VAL A 257 19.39 4.41 11.57
C VAL A 257 19.96 3.49 12.64
N HIS A 258 21.25 3.18 12.53
CA HIS A 258 21.86 2.14 13.36
C HIS A 258 22.48 2.72 14.63
N GLY A 259 22.46 1.92 15.69
CA GLY A 259 23.09 2.27 16.95
C GLY A 259 22.31 3.31 17.73
N THR A 260 21.20 2.91 18.34
CA THR A 260 20.35 3.82 19.11
C THR A 260 20.28 3.34 20.55
N LYS A 261 19.07 3.32 21.11
CA LYS A 261 18.77 2.55 22.30
C LYS A 261 17.69 1.52 21.98
N ARG A 262 16.54 1.95 21.47
CA ARG A 262 15.60 1.05 20.83
C ARG A 262 16.11 0.74 19.42
N LYS A 263 16.23 -0.55 19.11
CA LYS A 263 16.66 -0.99 17.80
C LYS A 263 15.69 -0.51 16.71
N SER A 264 16.24 -0.13 15.56
CA SER A 264 15.43 0.40 14.47
C SER A 264 14.38 -0.62 14.04
N GLN A 265 13.12 -0.19 13.98
CA GLN A 265 12.09 -1.07 13.44
C GLN A 265 12.25 -1.26 11.94
N ILE A 266 12.95 -0.35 11.26
CA ILE A 266 13.32 -0.60 9.87
C ILE A 266 14.28 -1.78 9.78
N GLN A 267 15.29 -1.83 10.65
CA GLN A 267 16.21 -2.96 10.67
C GLN A 267 15.50 -4.25 11.08
N THR A 268 14.60 -4.18 12.07
CA THR A 268 13.81 -5.35 12.43
C THR A 268 13.00 -5.86 11.24
N TYR A 269 12.43 -4.94 10.46
CA TYR A 269 11.69 -5.33 9.27
C TYR A 269 12.59 -6.11 8.31
N LEU A 270 13.75 -5.54 7.96
CA LEU A 270 14.62 -6.17 6.97
C LEU A 270 15.02 -7.58 7.40
N GLU A 271 15.28 -7.78 8.70
CA GLU A 271 15.66 -9.11 9.20
C GLU A 271 14.50 -10.10 9.05
N HIS A 272 13.31 -9.73 9.54
CA HIS A 272 12.18 -10.65 9.47
C HIS A 272 11.64 -10.80 8.05
N ASN A 273 11.81 -9.79 7.21
CA ASN A 273 11.32 -9.88 5.84
C ASN A 273 12.32 -10.51 4.89
N GLU A 274 13.51 -10.87 5.38
CA GLU A 274 14.63 -11.25 4.53
C GLU A 274 14.88 -10.19 3.46
N GLY A 275 15.08 -8.96 3.88
CA GLY A 275 15.50 -7.90 2.98
C GLY A 275 14.40 -6.89 2.69
N ALA A 276 14.70 -6.02 1.73
CA ALA A 276 13.84 -4.90 1.42
C ALA A 276 12.45 -5.37 1.00
N GLY A 277 11.46 -4.54 1.28
CA GLY A 277 10.09 -4.84 0.89
C GLY A 277 9.18 -3.68 1.26
N LEU A 278 7.90 -3.87 0.99
CA LEU A 278 6.91 -2.86 1.31
C LEU A 278 6.61 -2.89 2.81
N GLN A 279 6.71 -1.73 3.46
CA GLN A 279 6.48 -1.62 4.90
C GLN A 279 5.01 -1.34 5.25
N HIS A 280 4.40 -0.34 4.65
CA HIS A 280 2.98 -0.15 4.94
C HIS A 280 2.24 0.50 3.78
N LEU A 281 0.96 0.19 3.71
CA LEU A 281 0.04 0.83 2.78
C LEU A 281 -0.84 1.77 3.60
N ALA A 282 -0.95 3.02 3.17
CA ALA A 282 -1.82 3.98 3.86
C ALA A 282 -3.07 4.20 3.05
N LEU A 283 -4.22 3.93 3.66
CA LEU A 283 -5.51 3.87 3.00
C LEU A 283 -6.33 5.06 3.43
N MET A 284 -6.73 5.89 2.47
CA MET A 284 -7.51 7.08 2.79
C MET A 284 -8.95 6.66 3.11
N SER A 285 -9.48 7.20 4.20
CA SER A 285 -10.88 7.04 4.54
C SER A 285 -11.61 8.37 4.37
N GLU A 286 -12.85 8.31 3.87
CA GLU A 286 -13.72 9.48 3.84
C GLU A 286 -14.33 9.79 5.19
N ASP A 287 -14.08 8.96 6.21
CA ASP A 287 -14.67 9.15 7.53
C ASP A 287 -13.92 8.24 8.48
N ILE A 288 -12.75 8.71 8.97
CA ILE A 288 -11.85 7.83 9.68
C ILE A 288 -12.45 7.36 11.00
N PHE A 289 -13.45 8.08 11.51
CA PHE A 289 -14.07 7.68 12.76
C PHE A 289 -14.93 6.45 12.56
N ARG A 290 -15.77 6.45 11.53
CA ARG A 290 -16.59 5.28 11.23
C ARG A 290 -15.72 4.08 10.82
N THR A 291 -14.70 4.31 9.99
CA THR A 291 -13.78 3.23 9.63
C THR A 291 -13.19 2.56 10.86
N LEU A 292 -12.70 3.37 11.80
CA LEU A 292 -12.02 2.80 12.96
C LEU A 292 -13.02 2.16 13.90
N ARG A 293 -14.22 2.73 14.03
CA ARG A 293 -15.26 2.03 14.79
C ARG A 293 -15.56 0.67 14.18
N GLU A 294 -15.75 0.65 12.85
CA GLU A 294 -16.08 -0.61 12.19
C GLU A 294 -14.90 -1.59 12.27
N MET A 295 -13.67 -1.11 12.09
CA MET A 295 -12.53 -2.03 12.10
C MET A 295 -12.29 -2.57 13.51
N ARG A 296 -12.45 -1.73 14.54
CA ARG A 296 -12.17 -2.15 15.92
C ARG A 296 -13.23 -3.14 16.44
N LYS A 297 -14.50 -2.98 16.04
CA LYS A 297 -15.51 -3.98 16.40
C LYS A 297 -15.12 -5.37 15.90
N ARG A 298 -14.35 -5.45 14.81
CA ARG A 298 -14.01 -6.72 14.21
C ARG A 298 -12.59 -7.19 14.54
N SER A 299 -11.84 -6.45 15.35
CA SER A 299 -10.44 -6.80 15.59
C SER A 299 -10.28 -8.25 16.06
N SER A 300 -11.14 -8.69 16.96
CA SER A 300 -10.97 -9.97 17.62
C SER A 300 -11.90 -11.02 17.05
N ILE A 301 -12.57 -10.73 15.94
CA ILE A 301 -13.44 -11.70 15.30
C ILE A 301 -13.08 -11.77 13.83
N GLY A 302 -11.78 -11.86 13.55
CA GLY A 302 -11.26 -12.12 12.21
C GLY A 302 -10.63 -10.93 11.53
N GLY A 303 -10.78 -9.72 12.08
CA GLY A 303 -10.24 -8.51 11.48
C GLY A 303 -8.80 -8.19 11.86
N PHE A 304 -8.52 -6.90 11.95
CA PHE A 304 -7.18 -6.41 12.19
C PHE A 304 -7.09 -5.79 13.57
N ASP A 305 -5.97 -6.00 14.23
CA ASP A 305 -5.63 -5.38 15.50
C ASP A 305 -4.93 -4.06 15.23
N PHE A 306 -5.05 -3.14 16.17
CA PHE A 306 -4.43 -1.84 16.06
C PHE A 306 -3.30 -1.75 17.07
N MET A 307 -2.28 -0.93 16.76
CA MET A 307 -1.20 -0.70 17.71
C MET A 307 -1.76 -0.12 19.01
N PRO A 308 -0.99 -0.16 20.10
CA PRO A 308 -1.50 0.38 21.36
C PRO A 308 -1.78 1.89 21.28
N SER A 309 -2.86 2.29 21.94
CA SER A 309 -3.27 3.68 21.91
C SER A 309 -2.25 4.56 22.64
N PRO A 310 -2.05 5.79 22.18
CA PRO A 310 -1.19 6.72 22.92
C PRO A 310 -1.80 7.06 24.27
N PRO A 311 -0.99 7.54 25.22
CA PRO A 311 -1.52 7.84 26.56
C PRO A 311 -2.47 9.03 26.52
N PRO A 312 -3.32 9.19 27.54
CA PRO A 312 -4.22 10.34 27.56
C PRO A 312 -3.50 11.67 27.55
N THR A 313 -2.23 11.71 27.99
CA THR A 313 -1.43 12.91 27.84
C THR A 313 -1.36 13.36 26.38
N TYR A 314 -1.21 12.40 25.45
CA TYR A 314 -1.19 12.73 24.03
C TYR A 314 -2.46 13.48 23.64
N TYR A 315 -3.60 13.06 24.18
CA TYR A 315 -4.85 13.71 23.81
C TYR A 315 -5.09 15.00 24.58
N GLN A 316 -4.62 15.09 25.82
CA GLN A 316 -4.61 16.37 26.53
C GLN A 316 -3.79 17.41 25.80
N ASN A 317 -2.76 17.00 25.04
CA ASN A 317 -1.95 17.92 24.28
C ASN A 317 -2.50 18.22 22.89
N LEU A 318 -3.55 17.54 22.47
CA LEU A 318 -4.10 17.81 21.14
C LEU A 318 -4.82 19.14 21.07
N LYS A 319 -5.44 19.58 22.17
CA LYS A 319 -6.14 20.87 22.16
C LYS A 319 -5.19 21.99 21.77
N LYS A 320 -3.99 22.02 22.35
CA LYS A 320 -3.01 23.07 22.07
C LYS A 320 -2.46 23.00 20.66
N ARG A 321 -2.63 21.89 19.95
CA ARG A 321 -2.05 21.75 18.62
C ARG A 321 -3.06 21.80 17.50
N VAL A 322 -4.25 21.26 17.70
CA VAL A 322 -5.23 21.13 16.63
C VAL A 322 -6.59 21.60 17.11
N GLY A 323 -6.61 22.37 18.21
CA GLY A 323 -7.85 22.87 18.77
C GLY A 323 -8.67 23.74 17.82
N ASP A 324 -8.03 24.30 16.79
CA ASP A 324 -8.70 25.13 15.80
C ASP A 324 -9.18 24.34 14.60
N VAL A 325 -8.73 23.11 14.44
CA VAL A 325 -9.19 22.24 13.35
C VAL A 325 -10.26 21.27 13.83
N LEU A 326 -10.11 20.76 15.04
CA LEU A 326 -11.03 19.76 15.58
C LEU A 326 -11.64 20.25 16.88
N SER A 327 -12.95 20.10 17.00
CA SER A 327 -13.64 20.42 18.24
C SER A 327 -13.19 19.49 19.36
N ASP A 328 -13.57 19.85 20.60
CA ASP A 328 -13.26 19.00 21.74
C ASP A 328 -13.96 17.66 21.63
N ASP A 329 -15.15 17.63 21.03
CA ASP A 329 -15.84 16.36 20.84
C ASP A 329 -15.11 15.50 19.81
N GLN A 330 -14.68 16.10 18.70
CA GLN A 330 -13.89 15.38 17.71
C GLN A 330 -12.55 14.93 18.28
N ILE A 331 -11.97 15.72 19.18
CA ILE A 331 -10.74 15.28 19.85
C ILE A 331 -11.04 14.12 20.78
N LYS A 332 -12.15 14.20 21.53
CA LYS A 332 -12.53 13.08 22.39
C LYS A 332 -12.82 11.84 21.55
N GLU A 333 -13.35 12.03 20.34
CA GLU A 333 -13.61 10.89 19.47
C GLU A 333 -12.30 10.26 18.97
N CYS A 334 -11.30 11.08 18.66
CA CYS A 334 -9.96 10.55 18.39
C CYS A 334 -9.45 9.73 19.56
N GLU A 335 -9.78 10.15 20.79
CA GLU A 335 -9.23 9.48 21.95
C GLU A 335 -9.86 8.11 22.18
N GLU A 336 -11.17 7.97 21.96
CA GLU A 336 -11.77 6.65 22.18
C GLU A 336 -11.28 5.65 21.14
N LEU A 337 -10.98 6.12 19.94
CA LEU A 337 -10.58 5.27 18.82
C LEU A 337 -9.08 5.05 18.72
N GLY A 338 -8.27 5.81 19.46
CA GLY A 338 -6.83 5.64 19.37
C GLY A 338 -6.17 6.36 18.21
N ILE A 339 -6.85 7.36 17.65
CA ILE A 339 -6.38 8.05 16.45
C ILE A 339 -5.27 9.04 16.79
N LEU A 340 -4.27 9.13 15.91
CA LEU A 340 -3.18 10.10 15.98
C LEU A 340 -3.50 11.29 15.10
N VAL A 341 -2.96 12.45 15.47
CA VAL A 341 -3.15 13.69 14.71
C VAL A 341 -1.80 14.36 14.55
N ASP A 342 -1.51 14.82 13.34
CA ASP A 342 -0.36 15.67 13.10
C ASP A 342 -0.78 16.76 12.14
N ARG A 343 0.08 17.76 11.99
CA ARG A 343 -0.27 18.93 11.21
C ARG A 343 0.93 19.51 10.48
N ASP A 344 0.71 19.93 9.24
CA ASP A 344 1.66 20.63 8.38
C ASP A 344 1.57 22.14 8.62
N ASP A 345 2.13 22.90 7.69
CA ASP A 345 1.76 24.29 7.45
C ASP A 345 0.57 24.42 6.51
N GLN A 346 0.26 23.35 5.78
CA GLN A 346 -0.79 23.37 4.77
C GLN A 346 -2.07 22.67 5.22
N GLY A 347 -1.97 21.71 6.12
CA GLY A 347 -3.13 20.89 6.44
C GLY A 347 -2.93 20.06 7.69
N THR A 348 -3.99 19.32 8.03
CA THR A 348 -4.01 18.45 9.20
C THR A 348 -4.29 17.02 8.76
N LEU A 349 -3.79 16.08 9.55
CA LEU A 349 -3.83 14.67 9.21
C LEU A 349 -4.26 13.87 10.43
N LEU A 350 -5.23 12.98 10.23
CA LEU A 350 -5.58 11.95 11.22
C LEU A 350 -5.04 10.61 10.73
N GLN A 351 -4.39 9.85 11.62
CA GLN A 351 -3.84 8.56 11.22
C GLN A 351 -3.90 7.56 12.36
N ILE A 352 -3.91 6.27 12.00
CA ILE A 352 -3.76 5.18 12.95
C ILE A 352 -3.14 3.99 12.23
N PHE A 353 -2.50 3.11 12.99
CA PHE A 353 -1.72 1.99 12.45
C PHE A 353 -2.22 0.66 12.97
N THR A 354 -2.39 -0.30 12.07
CA THR A 354 -2.68 -1.66 12.48
C THR A 354 -1.40 -2.36 12.96
N LYS A 355 -1.61 -3.44 13.72
CA LYS A 355 -0.55 -4.41 13.95
C LYS A 355 -0.19 -5.08 12.63
N PRO A 356 0.93 -5.78 12.54
CA PRO A 356 1.29 -6.47 11.30
C PRO A 356 0.13 -7.31 10.74
N LEU A 357 0.03 -7.34 9.41
CA LEU A 357 -1.11 -7.99 8.77
C LEU A 357 -1.02 -9.51 8.84
N GLY A 358 0.17 -10.07 9.01
CA GLY A 358 0.37 -11.50 8.98
C GLY A 358 1.30 -11.95 10.09
N ASP A 359 1.86 -13.16 9.94
CA ASP A 359 2.72 -13.74 10.98
C ASP A 359 3.93 -12.87 11.30
N ARG A 360 4.53 -12.20 10.26
CA ARG A 360 5.81 -11.57 10.59
C ARG A 360 5.62 -10.10 10.92
N PRO A 361 6.51 -9.55 11.76
CA PRO A 361 6.44 -8.13 12.09
C PRO A 361 6.98 -7.25 10.96
N THR A 362 6.32 -7.33 9.81
CA THR A 362 6.79 -6.65 8.62
C THR A 362 5.75 -5.64 8.11
N ILE A 363 4.88 -6.07 7.21
CA ILE A 363 3.92 -5.14 6.60
C ILE A 363 2.77 -4.85 7.56
N PHE A 364 2.35 -3.59 7.60
CA PHE A 364 1.14 -3.18 8.33
C PHE A 364 0.39 -2.16 7.47
N ILE A 365 -0.77 -1.75 7.96
CA ILE A 365 -1.65 -0.82 7.26
C ILE A 365 -1.84 0.42 8.13
N GLU A 366 -1.98 1.56 7.47
CA GLU A 366 -2.30 2.84 8.08
C GLU A 366 -3.64 3.32 7.53
N ILE A 367 -4.52 3.82 8.40
CA ILE A 367 -5.73 4.50 7.98
C ILE A 367 -5.52 6.00 8.16
N ILE A 368 -5.89 6.78 7.16
CA ILE A 368 -5.53 8.20 7.16
C ILE A 368 -6.71 9.01 6.61
N GLN A 369 -6.80 10.25 7.07
CA GLN A 369 -7.74 11.20 6.50
C GLN A 369 -7.13 12.58 6.62
N ARG A 370 -7.23 13.35 5.54
CA ARG A 370 -6.58 14.63 5.44
C ARG A 370 -7.64 15.73 5.42
N VAL A 371 -7.39 16.80 6.17
CA VAL A 371 -8.22 17.99 6.13
C VAL A 371 -7.32 19.19 5.79
N GLY A 372 -7.70 19.92 4.73
CA GLY A 372 -7.06 21.13 4.24
C GLY A 372 -6.74 21.04 2.75
N CYS A 373 -5.93 22.00 2.28
CA CYS A 373 -5.36 21.99 0.93
C CYS A 373 -6.43 21.84 -0.15
N MET A 374 -7.53 22.56 0.01
CA MET A 374 -8.57 22.54 -1.01
C MET A 374 -8.22 23.52 -2.13
N MET A 375 -8.40 23.07 -3.37
CA MET A 375 -8.18 23.91 -4.54
C MET A 375 -9.45 23.92 -5.38
N TYR A 383 -11.04 19.80 -5.26
CA TYR A 383 -10.22 18.63 -4.98
C TYR A 383 -9.21 18.92 -3.87
N GLN A 384 -8.64 17.86 -3.29
CA GLN A 384 -7.59 18.00 -2.29
C GLN A 384 -6.24 17.66 -2.90
N SER A 385 -5.23 18.48 -2.59
CA SER A 385 -3.90 18.21 -3.11
C SER A 385 -3.25 17.10 -2.28
N GLY A 386 -2.37 16.34 -2.93
CA GLY A 386 -1.83 15.15 -2.32
C GLY A 386 -0.80 15.45 -1.23
N GLY A 387 -0.77 14.55 -0.24
CA GLY A 387 0.11 14.74 0.89
C GLY A 387 -0.33 15.80 1.87
N CYS A 388 -1.54 16.33 1.73
CA CYS A 388 -2.00 17.41 2.60
C CYS A 388 -1.88 17.09 4.09
N GLY A 389 -0.99 17.79 4.78
CA GLY A 389 -0.76 17.54 6.18
C GLY A 389 0.46 16.71 6.47
N GLY A 390 1.10 16.16 5.43
CA GLY A 390 2.31 15.37 5.60
C GLY A 390 2.06 13.89 5.83
N PHE A 391 2.89 13.27 6.68
CA PHE A 391 2.78 11.84 6.90
C PHE A 391 2.87 11.49 8.39
N GLY A 392 2.78 12.48 9.27
CA GLY A 392 2.78 12.26 10.69
C GLY A 392 4.13 12.18 11.33
N LYS A 393 5.16 12.76 10.70
CA LYS A 393 6.50 12.68 11.28
C LYS A 393 6.56 13.37 12.64
N GLY A 394 5.74 14.40 12.85
CA GLY A 394 5.69 15.07 14.13
C GLY A 394 5.20 14.17 15.26
N ASN A 395 4.54 13.06 14.92
CA ASN A 395 3.98 12.19 15.94
C ASN A 395 5.03 11.34 16.65
N PHE A 396 6.23 11.18 16.07
CA PHE A 396 7.30 10.50 16.78
C PHE A 396 7.72 11.31 18.01
N SER A 397 8.08 12.57 17.80
CA SER A 397 8.37 13.46 18.91
C SER A 397 7.18 13.58 19.87
N GLU A 398 5.98 13.76 19.32
CA GLU A 398 4.81 13.97 20.18
C GLU A 398 4.50 12.74 21.01
N LEU A 399 4.74 11.55 20.45
CA LEU A 399 4.43 10.32 21.19
C LEU A 399 5.40 10.10 22.34
N PHE A 400 6.70 10.22 22.07
CA PHE A 400 7.70 10.13 23.13
C PHE A 400 7.38 11.11 24.25
N LYS A 401 7.05 12.35 23.88
CA LYS A 401 6.85 13.38 24.89
C LYS A 401 5.52 13.23 25.61
N SER A 402 4.59 12.44 25.07
CA SER A 402 3.41 12.11 25.87
C SER A 402 3.68 10.91 26.75
N ILE A 403 4.65 10.08 26.36
CA ILE A 403 4.89 8.84 27.10
C ILE A 403 5.51 9.14 28.46
N GLU A 404 6.65 9.87 28.47
CA GLU A 404 7.32 10.14 29.74
C GLU A 404 6.52 11.14 30.58
N GLU A 405 5.77 12.04 29.95
CA GLU A 405 4.93 12.93 30.76
C GLU A 405 3.67 12.25 31.26
N TYR A 406 3.31 11.09 30.69
CA TYR A 406 2.24 10.30 31.27
C TYR A 406 2.73 9.47 32.44
N GLU A 407 3.99 9.04 32.42
CA GLU A 407 4.61 8.47 33.62
C GLU A 407 4.46 9.45 34.79
N LYS A 408 4.59 10.75 34.51
CA LYS A 408 4.17 11.83 35.41
C LYS A 408 4.67 11.65 36.85
CO CO B . 2.43 6.61 6.36
C10 A1LW4 C . 5.36 7.94 6.96
N12 A1LW4 C . 4.95 8.11 4.87
C13 A1LW4 C . 6.05 8.84 5.15
C15 A1LW4 C . 6.91 9.67 4.18
C20 A1LW4 C . 3.98 1.61 13.74
C21 A1LW4 C . 4.97 1.17 14.82
C22 A1LW4 C . 4.26 6.94 14.94
C01 A1LW4 C . 4.18 7.03 10.43
C02 A1LW4 C . 3.83 8.30 11.20
C03 A1LW4 C . 3.86 8.28 12.75
C04 A1LW4 C . 4.25 6.97 13.41
C05 A1LW4 C . 4.59 5.74 12.60
C06 A1LW4 C . 4.55 5.76 11.09
C07 A1LW4 C . 4.12 7.10 8.96
O08 A1LW4 C . 3.18 6.69 8.38
N09 A1LW4 C . 5.30 7.70 8.37
N11 A1LW4 C . 4.51 7.56 6.03
O14 A1LW4 C . 6.30 8.75 6.44
F16 A1LW4 C . 4.86 4.63 10.36
S17 A1LW4 C . 5.06 4.12 13.23
O18 A1LW4 C . 6.47 3.70 13.02
C19 A1LW4 C . 3.73 3.09 13.98
F23 A1LW4 C . 5.51 6.85 15.40
F24 A1LW4 C . 3.49 5.89 15.36
F25 A1LW4 C . 3.68 8.14 15.31
#